data_7DVG
#
_entry.id   7DVG
#
_cell.length_a   65.995
_cell.length_b   65.995
_cell.length_c   132.142
_cell.angle_alpha   90.000
_cell.angle_beta   90.000
_cell.angle_gamma   90.000
#
_symmetry.space_group_name_H-M   'P 43 21 2'
#
_entity_poly.entity_id   1
_entity_poly.type   'polypeptide(L)'
_entity_poly.pdbx_seq_one_letter_code
;RTKIVVKVHMPCDKSRAKAVALAASVNGVDVVEITGEDKDRLEVVGRGIDPVRLVALLREKCGLAELLMVELV
;
_entity_poly.pdbx_strand_id   A,B
#
# COMPACT_ATOMS: atom_id res chain seq x y z
N ARG A 1 3.25 12.14 -14.37
CA ARG A 1 4.49 12.65 -14.97
C ARG A 1 5.68 11.69 -14.84
N THR A 2 6.15 11.41 -13.62
CA THR A 2 7.30 10.54 -13.41
C THR A 2 6.90 9.24 -12.71
N LYS A 3 7.47 8.13 -13.18
CA LYS A 3 7.31 6.82 -12.56
C LYS A 3 8.66 6.39 -11.97
N ILE A 4 8.70 6.22 -10.66
CA ILE A 4 9.92 5.82 -9.96
C ILE A 4 9.76 4.37 -9.54
N VAL A 5 10.83 3.59 -9.65
CA VAL A 5 10.86 2.23 -9.14
C VAL A 5 12.07 2.10 -8.22
N VAL A 6 11.81 1.88 -6.94
CA VAL A 6 12.87 1.78 -5.95
C VAL A 6 12.73 0.46 -5.22
N LYS A 7 13.86 -0.19 -4.97
CA LYS A 7 13.92 -1.41 -4.18
C LYS A 7 14.16 -1.05 -2.72
N VAL A 8 13.35 -1.59 -1.83
CA VAL A 8 13.34 -1.25 -0.41
C VAL A 8 13.52 -2.52 0.41
N HIS A 9 14.29 -2.42 1.48
CA HIS A 9 14.32 -3.51 2.45
C HIS A 9 13.00 -3.57 3.22
N MET A 10 12.22 -4.60 2.96
CA MET A 10 10.91 -4.77 3.60
C MET A 10 10.76 -6.23 3.95
N PRO A 11 11.38 -6.67 5.04
CA PRO A 11 11.34 -8.10 5.41
C PRO A 11 9.92 -8.67 5.43
N CYS A 12 9.15 -8.32 6.45
CA CYS A 12 7.81 -8.85 6.62
C CYS A 12 6.78 -7.97 5.91
N ASP A 13 5.50 -8.31 6.06
CA ASP A 13 4.40 -7.59 5.41
C ASP A 13 4.03 -6.30 6.13
N LYS A 14 4.55 -6.11 7.37
CA LYS A 14 4.31 -4.89 8.13
C LYS A 14 5.25 -3.79 7.69
N SER A 15 6.49 -4.15 7.39
CA SER A 15 7.41 -3.18 6.81
C SER A 15 7.03 -2.82 5.38
N ARG A 16 6.41 -3.73 4.64
CA ARG A 16 5.83 -3.36 3.35
C ARG A 16 4.85 -2.22 3.55
N ALA A 17 3.90 -2.40 4.47
CA ALA A 17 2.86 -1.41 4.70
C ALA A 17 3.46 -0.05 5.04
N LYS A 18 4.41 -0.01 5.99
CA LYS A 18 4.91 1.28 6.41
C LYS A 18 5.83 1.91 5.37
N ALA A 19 6.53 1.10 4.57
CA ALA A 19 7.25 1.65 3.44
C ALA A 19 6.28 2.20 2.39
N VAL A 20 5.29 1.38 1.97
CA VAL A 20 4.29 1.88 1.03
C VAL A 20 3.71 3.20 1.58
N ALA A 21 3.56 3.31 2.91
CA ALA A 21 2.92 4.51 3.48
C ALA A 21 3.86 5.71 3.56
N LEU A 22 5.16 5.48 3.72
CA LEU A 22 6.08 6.61 3.75
C LEU A 22 6.11 7.31 2.40
N ALA A 23 6.41 6.56 1.35
CA ALA A 23 6.41 7.11 -0.01
C ALA A 23 5.10 7.82 -0.32
N ALA A 24 3.97 7.27 0.17
CA ALA A 24 2.71 7.93 -0.09
C ALA A 24 2.70 9.38 0.40
N SER A 25 3.43 9.65 1.50
CA SER A 25 3.40 10.98 2.10
C SER A 25 4.35 11.98 1.42
N VAL A 26 5.28 11.53 0.58
CA VAL A 26 6.18 12.46 -0.08
C VAL A 26 5.39 13.40 -0.98
N ASN A 27 5.81 14.66 -1.05
CA ASN A 27 5.09 15.61 -1.88
C ASN A 27 5.18 15.20 -3.35
N GLY A 28 4.07 15.37 -4.06
CA GLY A 28 3.98 15.04 -5.46
C GLY A 28 3.59 13.61 -5.77
N VAL A 29 3.55 12.74 -4.77
CA VAL A 29 3.25 11.33 -5.00
C VAL A 29 1.74 11.17 -5.13
N ASP A 30 1.30 10.65 -6.28
CA ASP A 30 -0.11 10.33 -6.52
C ASP A 30 -0.45 8.90 -6.14
N VAL A 31 0.49 7.96 -6.26
CA VAL A 31 0.18 6.55 -6.02
C VAL A 31 1.46 5.78 -5.74
N VAL A 32 1.34 4.80 -4.86
CA VAL A 32 2.42 3.86 -4.56
C VAL A 32 1.85 2.45 -4.68
N GLU A 33 2.65 1.53 -5.21
CA GLU A 33 2.23 0.14 -5.32
C GLU A 33 3.42 -0.79 -5.10
N ILE A 34 3.12 -1.98 -4.59
CA ILE A 34 4.13 -3.02 -4.39
C ILE A 34 4.37 -3.72 -5.71
N THR A 35 5.61 -4.14 -5.98
CA THR A 35 5.89 -4.74 -7.27
C THR A 35 7.19 -5.54 -7.21
N GLY A 36 7.45 -6.27 -8.28
CA GLY A 36 8.54 -7.22 -8.34
C GLY A 36 8.12 -8.59 -7.86
N GLU A 37 8.74 -9.61 -8.44
CA GLU A 37 8.35 -10.99 -8.11
C GLU A 37 8.69 -11.30 -6.65
N ASP A 38 9.71 -10.67 -6.10
CA ASP A 38 10.06 -10.87 -4.70
C ASP A 38 9.28 -9.94 -3.79
N LYS A 39 8.37 -9.14 -4.36
CA LYS A 39 7.62 -8.13 -3.62
C LYS A 39 8.56 -7.25 -2.79
N ASP A 40 9.68 -6.85 -3.40
CA ASP A 40 10.70 -6.08 -2.73
C ASP A 40 10.86 -4.68 -3.31
N ARG A 41 9.99 -4.27 -4.23
CA ARG A 41 10.14 -3.00 -4.91
C ARG A 41 8.88 -2.17 -4.75
N LEU A 42 9.04 -0.87 -4.58
CA LEU A 42 7.91 0.02 -4.72
C LEU A 42 7.96 0.73 -6.06
N GLU A 43 6.78 0.97 -6.62
CA GLU A 43 6.60 1.81 -7.79
C GLU A 43 5.86 3.06 -7.34
N VAL A 44 6.45 4.22 -7.61
CA VAL A 44 5.88 5.49 -7.17
C VAL A 44 5.61 6.34 -8.39
N VAL A 45 4.36 6.80 -8.51
CA VAL A 45 3.97 7.65 -9.63
C VAL A 45 3.47 8.98 -9.08
N GLY A 46 3.72 10.04 -9.85
CA GLY A 46 3.34 11.39 -9.44
C GLY A 46 3.89 12.41 -10.40
N ARG A 47 3.70 13.68 -10.04
CA ARG A 47 4.27 14.79 -10.79
C ARG A 47 5.10 15.65 -9.84
N GLY A 48 6.31 16.03 -10.28
CA GLY A 48 7.15 16.88 -9.47
C GLY A 48 7.87 16.19 -8.34
N ILE A 49 8.04 14.87 -8.41
CA ILE A 49 8.72 14.11 -7.36
C ILE A 49 10.22 14.38 -7.42
N ASP A 50 10.85 14.45 -6.25
CA ASP A 50 12.30 14.50 -6.12
C ASP A 50 12.79 13.07 -5.86
N PRO A 51 13.32 12.38 -6.87
CA PRO A 51 13.65 10.95 -6.67
C PRO A 51 14.74 10.72 -5.64
N VAL A 52 15.70 11.64 -5.52
CA VAL A 52 16.76 11.48 -4.53
C VAL A 52 16.20 11.56 -3.11
N ARG A 53 15.50 12.65 -2.79
CA ARG A 53 14.95 12.77 -1.44
C ARG A 53 14.00 11.63 -1.12
N LEU A 54 13.26 11.14 -2.12
CA LEU A 54 12.36 10.02 -1.86
C LEU A 54 13.15 8.80 -1.44
N VAL A 55 14.09 8.36 -2.30
CA VAL A 55 14.85 7.16 -2.00
C VAL A 55 15.66 7.32 -0.73
N ALA A 56 16.21 8.52 -0.49
CA ALA A 56 16.92 8.76 0.77
C ALA A 56 16.02 8.48 1.96
N LEU A 57 14.81 9.04 1.96
CA LEU A 57 13.89 8.85 3.08
C LEU A 57 13.57 7.39 3.28
N LEU A 58 13.35 6.66 2.19
CA LEU A 58 13.16 5.21 2.30
C LEU A 58 14.38 4.55 2.93
N ARG A 59 15.58 4.93 2.48
CA ARG A 59 16.79 4.30 3.02
C ARG A 59 16.97 4.60 4.50
N GLU A 60 16.69 5.84 4.92
CA GLU A 60 16.86 6.15 6.33
C GLU A 60 15.94 5.30 7.20
N LYS A 61 14.68 5.17 6.81
CA LYS A 61 13.70 4.53 7.69
C LYS A 61 13.60 3.03 7.46
N CYS A 62 14.13 2.51 6.36
CA CYS A 62 14.01 1.08 6.08
C CYS A 62 15.33 0.32 6.11
N GLY A 63 16.47 1.00 5.90
CA GLY A 63 17.77 0.38 5.94
C GLY A 63 18.38 0.19 4.56
N LEU A 64 17.54 0.09 3.53
CA LEU A 64 18.02 -0.02 2.17
C LEU A 64 16.98 0.57 1.22
N ALA A 65 17.46 1.41 0.31
CA ALA A 65 16.64 1.89 -0.80
C ALA A 65 17.56 2.11 -1.98
N GLU A 66 17.22 1.52 -3.12
CA GLU A 66 17.99 1.68 -4.34
C GLU A 66 17.07 2.15 -5.46
N LEU A 67 17.45 3.26 -6.10
CA LEU A 67 16.72 3.72 -7.26
C LEU A 67 17.08 2.86 -8.46
N LEU A 68 16.07 2.21 -9.03
CA LEU A 68 16.25 1.30 -10.15
C LEU A 68 15.93 1.93 -11.49
N MET A 69 14.76 2.55 -11.62
CA MET A 69 14.37 3.19 -12.88
C MET A 69 13.60 4.47 -12.60
N VAL A 70 13.95 5.52 -13.33
CA VAL A 70 13.16 6.73 -13.42
C VAL A 70 12.63 6.84 -14.84
N GLU A 71 11.30 6.85 -14.97
CA GLU A 71 10.63 6.94 -16.26
C GLU A 71 9.80 8.20 -16.32
N LEU A 72 9.82 8.87 -17.48
CA LEU A 72 8.98 10.04 -17.73
C LEU A 72 7.87 9.69 -18.71
N VAL A 73 6.71 10.31 -18.51
CA VAL A 73 5.54 10.07 -19.37
C VAL A 73 4.68 11.32 -19.51
N ARG B 1 -8.05 13.04 0.01
CA ARG B 1 -8.74 11.77 0.13
C ARG B 1 -7.78 10.66 -0.30
N THR B 2 -7.96 9.45 0.24
CA THR B 2 -7.00 8.37 0.01
C THR B 2 -7.67 7.01 -0.17
N LYS B 3 -7.22 6.24 -1.16
CA LYS B 3 -7.77 4.93 -1.49
C LYS B 3 -6.65 3.90 -1.43
N ILE B 4 -6.93 2.76 -0.78
CA ILE B 4 -5.92 1.72 -0.62
C ILE B 4 -6.54 0.35 -0.89
N VAL B 5 -5.68 -0.60 -1.27
CA VAL B 5 -6.10 -1.91 -1.74
C VAL B 5 -5.32 -2.98 -1.00
N VAL B 6 -6.03 -3.85 -0.31
CA VAL B 6 -5.44 -4.89 0.52
C VAL B 6 -5.87 -6.24 -0.02
N LYS B 7 -4.91 -7.14 -0.18
CA LYS B 7 -5.24 -8.52 -0.48
C LYS B 7 -5.38 -9.27 0.83
N VAL B 8 -6.50 -9.95 1.01
CA VAL B 8 -6.83 -10.58 2.29
C VAL B 8 -7.20 -12.04 2.07
N HIS B 9 -6.74 -12.91 2.95
CA HIS B 9 -7.17 -14.29 2.90
C HIS B 9 -8.68 -14.39 3.17
N MET B 10 -9.46 -14.71 2.15
CA MET B 10 -10.91 -14.78 2.27
C MET B 10 -11.45 -15.94 1.45
N PRO B 11 -11.31 -17.17 1.93
CA PRO B 11 -11.69 -18.33 1.11
C PRO B 11 -13.18 -18.41 0.76
N CYS B 12 -14.07 -18.13 1.70
CA CYS B 12 -15.50 -18.28 1.46
C CYS B 12 -16.19 -16.93 1.52
N ASP B 13 -17.47 -16.91 1.14
CA ASP B 13 -18.26 -15.69 1.21
C ASP B 13 -18.43 -15.20 2.66
N LYS B 14 -18.55 -16.11 3.62
CA LYS B 14 -18.65 -15.73 5.03
C LYS B 14 -17.45 -14.87 5.45
N SER B 15 -16.23 -15.39 5.25
CA SER B 15 -15.04 -14.65 5.65
C SER B 15 -14.87 -13.37 4.84
N ARG B 16 -15.19 -13.42 3.53
CA ARG B 16 -15.30 -12.18 2.75
C ARG B 16 -16.14 -11.17 3.49
N ALA B 17 -17.32 -11.57 3.94
CA ALA B 17 -18.22 -10.63 4.61
C ALA B 17 -17.57 -10.06 5.86
N LYS B 18 -17.05 -10.93 6.74
CA LYS B 18 -16.40 -10.45 7.95
C LYS B 18 -15.26 -9.47 7.62
N ALA B 19 -14.47 -9.78 6.59
CA ALA B 19 -13.36 -8.89 6.23
C ALA B 19 -13.86 -7.51 5.78
N VAL B 20 -14.83 -7.48 4.84
CA VAL B 20 -15.37 -6.18 4.40
C VAL B 20 -15.84 -5.39 5.63
N ALA B 21 -16.53 -6.06 6.56
CA ALA B 21 -17.08 -5.36 7.73
C ALA B 21 -16.00 -4.77 8.61
N LEU B 22 -14.89 -5.49 8.76
CA LEU B 22 -13.96 -5.12 9.79
C LEU B 22 -13.05 -4.00 9.31
N ALA B 23 -12.74 -3.98 8.03
CA ALA B 23 -12.16 -2.80 7.41
C ALA B 23 -13.05 -1.59 7.57
N ALA B 24 -14.37 -1.76 7.45
CA ALA B 24 -15.27 -0.61 7.52
C ALA B 24 -15.20 0.11 8.85
N SER B 25 -14.63 -0.52 9.88
CA SER B 25 -14.68 0.04 11.23
C SER B 25 -13.44 0.84 11.59
N VAL B 26 -12.29 0.60 10.96
CA VAL B 26 -11.13 1.40 11.31
C VAL B 26 -11.41 2.85 10.94
N ASN B 27 -10.69 3.75 11.60
CA ASN B 27 -11.10 5.15 11.61
C ASN B 27 -10.70 5.83 10.31
N GLY B 28 -11.60 6.66 9.80
CA GLY B 28 -11.40 7.36 8.56
C GLY B 28 -11.96 6.68 7.34
N VAL B 29 -12.48 5.47 7.48
CA VAL B 29 -13.00 4.74 6.34
C VAL B 29 -14.38 5.26 5.97
N ASP B 30 -14.53 5.69 4.72
CA ASP B 30 -15.84 6.02 4.19
C ASP B 30 -16.47 4.81 3.51
N VAL B 31 -15.76 4.14 2.61
CA VAL B 31 -16.29 3.03 1.83
C VAL B 31 -15.35 1.84 1.88
N VAL B 32 -15.94 0.65 1.80
CA VAL B 32 -15.21 -0.60 1.68
C VAL B 32 -15.85 -1.43 0.58
N GLU B 33 -15.04 -1.89 -0.37
CA GLU B 33 -15.53 -2.69 -1.48
C GLU B 33 -14.66 -3.91 -1.66
N ILE B 34 -15.23 -4.94 -2.23
CA ILE B 34 -14.51 -6.16 -2.57
C ILE B 34 -14.19 -6.13 -4.05
N THR B 35 -13.04 -6.66 -4.45
CA THR B 35 -12.65 -6.54 -5.85
C THR B 35 -11.57 -7.59 -6.18
N GLY B 36 -11.22 -7.63 -7.46
CA GLY B 36 -10.28 -8.62 -7.93
C GLY B 36 -10.98 -9.73 -8.68
N GLU B 37 -10.25 -10.35 -9.60
CA GLU B 37 -10.79 -11.49 -10.34
C GLU B 37 -11.25 -12.60 -9.39
N ASP B 38 -10.46 -12.87 -8.34
CA ASP B 38 -10.74 -13.94 -7.40
C ASP B 38 -11.42 -13.44 -6.12
N LYS B 39 -11.95 -12.22 -6.14
CA LYS B 39 -12.57 -11.60 -4.96
C LYS B 39 -11.70 -11.78 -3.72
N ASP B 40 -10.41 -11.44 -3.87
CA ASP B 40 -9.46 -11.58 -2.79
C ASP B 40 -8.91 -10.24 -2.31
N ARG B 41 -9.34 -9.14 -2.91
CA ARG B 41 -8.82 -7.83 -2.57
C ARG B 41 -9.94 -6.99 -1.97
N LEU B 42 -9.61 -6.17 -0.98
CA LEU B 42 -10.54 -5.14 -0.52
C LEU B 42 -9.98 -3.78 -0.85
N GLU B 43 -10.81 -2.95 -1.46
CA GLU B 43 -10.49 -1.55 -1.65
C GLU B 43 -11.28 -0.74 -0.62
N VAL B 44 -10.57 0.10 0.11
CA VAL B 44 -11.16 0.91 1.14
C VAL B 44 -10.79 2.35 0.85
N VAL B 45 -11.81 3.23 0.82
CA VAL B 45 -11.61 4.65 0.60
C VAL B 45 -12.02 5.41 1.86
N GLY B 46 -11.31 6.50 2.10
CA GLY B 46 -11.64 7.40 3.18
C GLY B 46 -10.64 8.53 3.25
N ARG B 47 -10.57 9.16 4.43
CA ARG B 47 -9.56 10.17 4.70
C ARG B 47 -8.92 9.89 6.05
N GLY B 48 -7.60 10.07 6.10
CA GLY B 48 -6.87 9.94 7.34
C GLY B 48 -6.64 8.52 7.80
N ILE B 49 -6.91 7.51 6.95
CA ILE B 49 -6.67 6.13 7.34
C ILE B 49 -5.19 5.88 7.54
N ASP B 50 -4.88 5.04 8.54
CA ASP B 50 -3.55 4.51 8.72
C ASP B 50 -3.47 3.18 7.98
N PRO B 51 -2.59 3.03 6.99
CA PRO B 51 -2.61 1.78 6.22
C PRO B 51 -2.12 0.60 7.02
N VAL B 52 -1.10 0.79 7.86
CA VAL B 52 -0.49 -0.36 8.51
C VAL B 52 -1.37 -0.88 9.64
N ARG B 53 -1.97 0.03 10.40
CA ARG B 53 -2.95 -0.40 11.41
C ARG B 53 -4.08 -1.16 10.75
N LEU B 54 -4.46 -0.74 9.54
CA LEU B 54 -5.53 -1.43 8.84
C LEU B 54 -5.12 -2.82 8.40
N VAL B 55 -3.98 -2.93 7.70
CA VAL B 55 -3.59 -4.24 7.19
C VAL B 55 -3.15 -5.14 8.34
N ALA B 56 -2.64 -4.58 9.43
CA ALA B 56 -2.36 -5.42 10.59
C ALA B 56 -3.65 -5.90 11.23
N LEU B 57 -4.66 -5.03 11.22
CA LEU B 57 -5.96 -5.43 11.75
C LEU B 57 -6.54 -6.58 10.94
N LEU B 58 -6.37 -6.55 9.62
CA LEU B 58 -6.86 -7.65 8.78
C LEU B 58 -6.01 -8.90 8.94
N ARG B 59 -4.68 -8.75 8.93
CA ARG B 59 -3.80 -9.92 9.11
C ARG B 59 -4.06 -10.57 10.47
N GLU B 60 -4.32 -9.75 11.48
CA GLU B 60 -4.57 -10.31 12.81
C GLU B 60 -5.81 -11.19 12.80
N LYS B 61 -6.86 -10.75 12.11
CA LYS B 61 -8.14 -11.43 12.19
C LYS B 61 -8.44 -12.31 10.99
N CYS B 62 -7.74 -12.12 9.87
CA CYS B 62 -8.02 -12.92 8.67
C CYS B 62 -6.88 -13.83 8.26
N GLY B 63 -5.75 -13.83 8.97
CA GLY B 63 -4.69 -14.78 8.70
C GLY B 63 -3.50 -14.16 7.99
N LEU B 64 -3.76 -13.50 6.87
CA LEU B 64 -2.73 -12.76 6.18
C LEU B 64 -3.38 -11.67 5.36
N ALA B 65 -2.69 -10.53 5.29
CA ALA B 65 -3.11 -9.39 4.49
C ALA B 65 -1.87 -8.68 3.99
N GLU B 66 -1.91 -8.25 2.74
CA GLU B 66 -0.80 -7.52 2.13
C GLU B 66 -1.33 -6.20 1.59
N LEU B 67 -0.57 -5.15 1.80
CA LEU B 67 -0.90 -3.85 1.22
C LEU B 67 -0.34 -3.76 -0.19
N LEU B 68 -1.24 -3.63 -1.18
CA LEU B 68 -0.88 -3.68 -2.60
C LEU B 68 -0.63 -2.30 -3.19
N MET B 69 -1.55 -1.36 -2.95
CA MET B 69 -1.35 -0.01 -3.44
C MET B 69 -2.05 0.97 -2.51
N VAL B 70 -1.59 2.22 -2.54
CA VAL B 70 -2.27 3.34 -1.88
C VAL B 70 -2.23 4.54 -2.83
N GLU B 71 -3.38 5.19 -3.01
CA GLU B 71 -3.54 6.21 -4.04
C GLU B 71 -4.14 7.47 -3.43
N LEU B 72 -3.63 8.64 -3.84
CA LEU B 72 -4.09 9.93 -3.34
C LEU B 72 -4.99 10.58 -4.38
N VAL B 73 -6.30 10.41 -4.25
CA VAL B 73 -7.24 11.07 -5.16
C VAL B 73 -7.30 12.60 -4.95
#